data_5K6Q
#
_entry.id   5K6Q
#
_cell.length_a   178.934
_cell.length_b   178.934
_cell.length_c   186.086
_cell.angle_alpha   90.00
_cell.angle_beta   90.00
_cell.angle_gamma   120.00
#
_symmetry.space_group_name_H-M   'P 64 2 2'
#
loop_
_entity.id
_entity.type
_entity.pdbx_description
1 polymer 'Acetolactate synthase, chloroplastic'
2 non-polymer 'MAGNESIUM ION'
3 non-polymer 'FLAVIN-ADENINE DINUCLEOTIDE'
4 non-polymer '2-[N-CYCLOHEXYLAMINO]ETHANE SULFONIC ACID'
5 non-polymer '2-[(2E)-3-[(4-AMINO-2-METHYLPYRIMIDIN-5-YL)METHYL]-2-(1-HYDROXYETHYLIDENE)-4-METHYL-2,3-DIHYDRO-1,3-THIAZOL-5-YL]ETHYL TRIHYDROGEN DIPHOSPHATE'
6 water water
#
_entity_poly.entity_id   1
_entity_poly.type   'polypeptide(L)'
_entity_poly.pdbx_seq_one_letter_code
;TFISRFAPDQPRKGADILVEALERQGVETVFAYPGGASMEIHQALTRSSSIRNVLPRHEQGGVFAAEGYARSSGKPGICI
ATSGPGATNLVSGLADALLDSVPLVAITGQVPRRMIGTDAFQETPIVEVTRSITKHNYLVMDVEDIPRIIEEAFFLATSG
RPGPVLVDVPKDIQQQLAIPNWEQAMRLPGYMSRMPKPPEDSHLEQIVRLISESKKPVLYVGGGCLNSSDELGRFVELTG
IPVASTLMGLGSYP(CSD)DDELSLHMLGMHGTVYANYAVEHSDLLLAFGVRFDDRVTGKLEAFASRAKIVHIDIDSAEI
GKNKTPHVSVCGDVKLALQGMNKVLENRAEELKLDFGVWRNELNVQKQKFPLSFKTFGEAIPPQYAIKVLDELTDGKAII
STGVGQHQMWAAQFYNYKKPRQWLSSGGLGAMGFGLPAAIGASVANPDAIVVDIDGDGSFIMNVQELATIRVENLPVKVL
LLNNQHLGMVMQWEDRFYKANRAHTFLGDPAQEDEIFPNMLLFAAACGIPAARVTKKADLREAIQTMLDTPGPYLLDVIC
PHQEHVLPMIPSGGTFNDVITEGDGRLEHHHHHH
;
_entity_poly.pdbx_strand_id   A
#
# COMPACT_ATOMS: atom_id res chain seq x y z
N THR A 1 -23.20 -0.33 23.02
CA THR A 1 -23.06 -1.11 24.24
C THR A 1 -22.55 -2.52 23.96
N PHE A 2 -21.35 -2.82 24.46
CA PHE A 2 -20.69 -4.09 24.18
C PHE A 2 -21.21 -5.22 25.06
N ILE A 3 -21.27 -6.42 24.49
CA ILE A 3 -21.68 -7.61 25.22
C ILE A 3 -20.52 -8.59 25.36
N SER A 4 -20.09 -8.82 26.60
CA SER A 4 -18.95 -9.69 26.86
C SER A 4 -19.37 -11.14 27.01
N ARG A 5 -18.40 -12.05 26.90
CA ARG A 5 -18.65 -13.47 27.13
C ARG A 5 -18.33 -13.82 28.58
N PHE A 6 -17.97 -12.80 29.35
CA PHE A 6 -17.61 -12.99 30.75
C PHE A 6 -18.37 -12.02 31.64
N ALA A 7 -18.56 -12.41 32.90
CA ALA A 7 -19.18 -11.55 33.89
C ALA A 7 -18.23 -10.42 34.28
N PRO A 8 -18.78 -9.24 34.60
CA PRO A 8 -17.97 -8.07 34.99
C PRO A 8 -17.11 -8.33 36.24
N ASP A 9 -17.49 -9.33 37.04
CA ASP A 9 -16.75 -9.64 38.25
C ASP A 9 -16.07 -11.01 38.17
N GLN A 10 -16.00 -11.55 36.96
CA GLN A 10 -15.41 -12.88 36.76
C GLN A 10 -13.97 -12.79 36.29
N PRO A 11 -13.06 -13.52 36.97
CA PRO A 11 -11.65 -13.60 36.59
C PRO A 11 -11.47 -14.31 35.25
N ARG A 12 -10.68 -13.71 34.36
CA ARG A 12 -10.44 -14.27 33.03
C ARG A 12 -8.95 -14.36 32.74
N LYS A 13 -8.56 -15.27 31.85
CA LYS A 13 -7.18 -15.34 31.41
C LYS A 13 -6.80 -14.06 30.69
N GLY A 14 -5.51 -13.72 30.74
CA GLY A 14 -5.01 -12.54 30.07
C GLY A 14 -5.25 -12.61 28.57
N ALA A 15 -5.15 -13.82 28.03
CA ALA A 15 -5.39 -14.06 26.61
C ALA A 15 -6.85 -13.76 26.26
N ASP A 16 -7.76 -14.11 27.16
CA ASP A 16 -9.18 -13.82 26.96
C ASP A 16 -9.44 -12.32 27.02
N ILE A 17 -8.71 -11.65 27.90
CA ILE A 17 -8.80 -10.19 28.01
C ILE A 17 -8.30 -9.55 26.72
N LEU A 18 -7.20 -10.09 26.19
CA LEU A 18 -6.61 -9.60 24.95
C LEU A 18 -7.58 -9.68 23.77
N VAL A 19 -8.22 -10.83 23.63
CA VAL A 19 -9.16 -11.06 22.53
C VAL A 19 -10.38 -10.14 22.65
N GLU A 20 -10.93 -10.03 23.85
CA GLU A 20 -12.06 -9.15 24.09
C GLU A 20 -11.67 -7.69 23.84
N ALA A 21 -10.42 -7.36 24.11
CA ALA A 21 -9.89 -6.03 23.85
C ALA A 21 -9.91 -5.75 22.35
N LEU A 22 -9.71 -6.79 21.55
CA LEU A 22 -9.79 -6.68 20.10
C LEU A 22 -11.25 -6.56 19.66
N GLU A 23 -12.12 -7.33 20.30
CA GLU A 23 -13.55 -7.30 20.01
C GLU A 23 -14.14 -5.91 20.26
N ARG A 24 -13.62 -5.23 21.28
CA ARG A 24 -14.09 -3.90 21.62
C ARG A 24 -13.54 -2.85 20.66
N GLN A 25 -12.56 -3.26 19.84
CA GLN A 25 -12.02 -2.37 18.82
C GLN A 25 -12.70 -2.60 17.48
N GLY A 26 -13.65 -3.53 17.47
CA GLY A 26 -14.42 -3.84 16.28
C GLY A 26 -13.73 -4.80 15.32
N VAL A 27 -12.70 -5.48 15.82
CA VAL A 27 -11.93 -6.41 14.99
C VAL A 27 -12.76 -7.63 14.59
N GLU A 28 -12.82 -7.90 13.29
CA GLU A 28 -13.57 -9.03 12.78
C GLU A 28 -12.66 -10.13 12.25
N THR A 29 -11.47 -9.73 11.80
CA THR A 29 -10.54 -10.66 11.16
C THR A 29 -9.10 -10.46 11.63
N VAL A 30 -8.45 -11.56 11.98
CA VAL A 30 -7.03 -11.54 12.34
C VAL A 30 -6.26 -12.55 11.49
N PHE A 31 -4.96 -12.33 11.35
CA PHE A 31 -4.12 -13.25 10.61
C PHE A 31 -3.05 -13.83 11.53
N ALA A 32 -3.38 -14.95 12.17
CA ALA A 32 -2.55 -15.50 13.23
C ALA A 32 -1.91 -16.83 12.85
N TYR A 33 -0.64 -16.99 13.21
CA TYR A 33 0.07 -18.26 13.04
C TYR A 33 0.54 -18.77 14.38
N PRO A 34 0.10 -19.97 14.78
CA PRO A 34 0.30 -20.51 16.12
C PRO A 34 1.72 -20.90 16.47
N GLY A 35 2.03 -20.84 17.76
CA GLY A 35 3.32 -21.23 18.29
C GLY A 35 3.22 -21.31 19.80
N GLY A 36 4.22 -21.90 20.45
CA GLY A 36 4.18 -22.15 21.87
C GLY A 36 3.93 -20.94 22.76
N ALA A 37 4.40 -19.78 22.33
CA ALA A 37 4.30 -18.57 23.14
C ALA A 37 2.97 -17.84 22.95
N SER A 38 2.18 -18.30 21.99
CA SER A 38 0.92 -17.63 21.68
C SER A 38 -0.26 -18.61 21.61
N MET A 39 -0.08 -19.79 22.18
CA MET A 39 -1.12 -20.81 22.17
C MET A 39 -2.35 -20.37 22.96
N GLU A 40 -2.12 -19.70 24.08
CA GLU A 40 -3.21 -19.21 24.93
C GLU A 40 -4.08 -18.21 24.17
N ILE A 41 -3.44 -17.40 23.32
CA ILE A 41 -4.16 -16.42 22.51
C ILE A 41 -5.03 -17.12 21.47
N HIS A 42 -4.46 -18.15 20.83
CA HIS A 42 -5.20 -18.89 19.81
C HIS A 42 -6.33 -19.70 20.41
N GLN A 43 -6.14 -20.15 21.65
CA GLN A 43 -7.21 -20.84 22.38
C GLN A 43 -8.35 -19.88 22.65
N ALA A 44 -8.00 -18.64 22.99
CA ALA A 44 -8.99 -17.62 23.30
C ALA A 44 -9.69 -17.12 22.04
N LEU A 45 -8.99 -17.20 20.91
CA LEU A 45 -9.56 -16.79 19.63
C LEU A 45 -10.70 -17.71 19.22
N THR A 46 -10.57 -19.00 19.54
CA THR A 46 -11.60 -19.98 19.22
C THR A 46 -12.85 -19.76 20.06
N ARG A 47 -12.66 -19.18 21.24
CA ARG A 47 -13.78 -18.91 22.14
C ARG A 47 -14.58 -17.69 21.69
N SER A 48 -14.02 -16.96 20.73
CA SER A 48 -14.69 -15.79 20.18
C SER A 48 -15.55 -16.17 18.99
N SER A 49 -16.74 -15.60 18.90
CA SER A 49 -17.67 -15.90 17.83
C SER A 49 -17.79 -14.75 16.84
N SER A 50 -16.96 -13.72 17.04
CA SER A 50 -16.98 -12.55 16.18
C SER A 50 -15.68 -12.37 15.42
N ILE A 51 -14.57 -12.82 16.02
CA ILE A 51 -13.27 -12.69 15.39
C ILE A 51 -12.91 -13.93 14.58
N ARG A 52 -12.75 -13.74 13.27
CA ARG A 52 -12.35 -14.81 12.36
C ARG A 52 -10.83 -14.80 12.19
N ASN A 53 -10.23 -15.99 12.19
CA ASN A 53 -8.80 -16.10 11.96
C ASN A 53 -8.47 -16.74 10.63
N VAL A 54 -7.71 -16.02 9.81
CA VAL A 54 -7.17 -16.58 8.58
C VAL A 54 -5.76 -17.08 8.84
N LEU A 55 -5.55 -18.38 8.69
CA LEU A 55 -4.25 -18.97 8.94
C LEU A 55 -3.37 -18.94 7.70
N PRO A 56 -2.27 -18.15 7.75
CA PRO A 56 -1.31 -18.13 6.64
C PRO A 56 -0.41 -19.34 6.69
N ARG A 57 0.44 -19.52 5.69
CA ARG A 57 1.41 -20.61 5.69
C ARG A 57 2.79 -20.03 5.98
N HIS A 58 2.82 -18.74 6.26
CA HIS A 58 4.04 -18.03 6.59
C HIS A 58 3.66 -16.70 7.25
N GLU A 59 4.34 -16.34 8.33
CA GLU A 59 4.00 -15.12 9.06
C GLU A 59 4.19 -13.86 8.21
N GLN A 60 5.14 -13.91 7.28
CA GLN A 60 5.31 -12.81 6.35
C GLN A 60 4.07 -12.67 5.48
N GLY A 61 3.49 -13.81 5.12
CA GLY A 61 2.23 -13.82 4.42
C GLY A 61 1.11 -13.31 5.31
N GLY A 62 1.25 -13.55 6.61
CA GLY A 62 0.26 -13.12 7.57
C GLY A 62 0.20 -11.62 7.72
N VAL A 63 1.36 -10.99 7.84
CA VAL A 63 1.43 -9.54 8.02
C VAL A 63 1.11 -8.80 6.72
N PHE A 64 1.51 -9.37 5.59
CA PHE A 64 1.19 -8.79 4.29
C PHE A 64 -0.31 -8.87 4.01
N ALA A 65 -0.93 -9.94 4.49
CA ALA A 65 -2.38 -10.09 4.36
C ALA A 65 -3.09 -9.05 5.22
N ALA A 66 -2.51 -8.76 6.38
CA ALA A 66 -3.04 -7.74 7.27
C ALA A 66 -2.94 -6.35 6.62
N GLU A 67 -1.89 -6.16 5.82
CA GLU A 67 -1.72 -4.91 5.09
C GLU A 67 -2.78 -4.74 4.02
N GLY A 68 -2.93 -5.75 3.16
CA GLY A 68 -3.94 -5.73 2.13
C GLY A 68 -5.33 -5.55 2.69
N TYR A 69 -5.56 -6.17 3.84
CA TYR A 69 -6.81 -6.00 4.57
C TYR A 69 -7.00 -4.54 4.95
N ALA A 70 -5.93 -3.91 5.42
CA ALA A 70 -5.96 -2.53 5.87
C ALA A 70 -6.04 -1.54 4.71
N ARG A 71 -5.19 -1.75 3.71
CA ARG A 71 -5.09 -0.84 2.57
C ARG A 71 -6.39 -0.74 1.76
N SER A 72 -7.16 -1.81 1.77
CA SER A 72 -8.36 -1.87 0.94
C SER A 72 -9.65 -1.64 1.74
N SER A 73 -9.52 -1.09 2.93
CA SER A 73 -10.67 -0.90 3.80
C SER A 73 -10.60 0.40 4.61
N GLY A 74 -9.40 0.76 5.05
CA GLY A 74 -9.23 1.91 5.92
C GLY A 74 -9.19 1.47 7.37
N LYS A 75 -9.64 0.24 7.60
CA LYS A 75 -9.59 -0.37 8.93
C LYS A 75 -8.17 -0.85 9.22
N PRO A 76 -7.80 -0.92 10.50
CA PRO A 76 -6.47 -1.45 10.84
C PRO A 76 -6.38 -2.95 10.60
N GLY A 77 -5.22 -3.41 10.12
CA GLY A 77 -4.99 -4.83 9.90
C GLY A 77 -4.30 -5.46 11.09
N ILE A 78 -4.77 -6.63 11.50
CA ILE A 78 -4.24 -7.29 12.68
C ILE A 78 -3.63 -8.64 12.36
N CYS A 79 -2.34 -8.79 12.68
CA CYS A 79 -1.65 -10.07 12.51
C CYS A 79 -1.07 -10.52 13.85
N ILE A 80 -1.10 -11.82 14.09
CA ILE A 80 -0.59 -12.38 15.33
C ILE A 80 0.44 -13.48 15.07
N ALA A 81 1.54 -13.45 15.81
CA ALA A 81 2.58 -14.46 15.65
C ALA A 81 3.12 -14.89 17.01
N THR A 82 3.88 -15.97 17.02
CA THR A 82 4.51 -16.45 18.25
C THR A 82 5.88 -15.79 18.41
N SER A 83 6.56 -16.11 19.51
CA SER A 83 7.87 -15.54 19.79
C SER A 83 8.93 -16.05 18.84
N GLY A 84 10.11 -15.43 18.90
CA GLY A 84 11.26 -15.87 18.13
C GLY A 84 11.06 -15.82 16.62
N PRO A 85 11.12 -16.99 15.97
CA PRO A 85 11.03 -17.13 14.51
C PRO A 85 9.73 -16.58 13.93
N GLY A 86 8.65 -16.65 14.70
CA GLY A 86 7.38 -16.12 14.26
C GLY A 86 7.40 -14.61 14.17
N ALA A 87 7.95 -13.97 15.20
CA ALA A 87 8.02 -12.52 15.27
C ALA A 87 8.95 -11.94 14.21
N THR A 88 10.11 -12.57 14.04
CA THR A 88 11.10 -12.10 13.08
C THR A 88 10.60 -12.25 11.64
N ASN A 89 9.58 -13.07 11.45
CA ASN A 89 8.98 -13.25 10.13
C ASN A 89 7.99 -12.13 9.81
N LEU A 90 7.75 -11.24 10.77
CA LEU A 90 6.84 -10.13 10.58
C LEU A 90 7.57 -8.86 10.18
N VAL A 91 8.88 -8.85 10.41
CA VAL A 91 9.71 -7.65 10.27
C VAL A 91 9.53 -6.89 8.95
N SER A 92 9.57 -7.60 7.84
CA SER A 92 9.42 -6.98 6.52
C SER A 92 8.07 -6.27 6.39
N GLY A 93 7.03 -6.92 6.89
CA GLY A 93 5.69 -6.35 6.84
C GLY A 93 5.55 -5.11 7.70
N LEU A 94 6.23 -5.11 8.85
CA LEU A 94 6.22 -3.97 9.76
C LEU A 94 6.89 -2.77 9.12
N ALA A 95 8.09 -2.98 8.59
CA ALA A 95 8.84 -1.91 7.93
C ALA A 95 8.07 -1.41 6.70
N ASP A 96 7.38 -2.32 6.03
CA ASP A 96 6.59 -1.97 4.86
C ASP A 96 5.41 -1.09 5.25
N ALA A 97 4.74 -1.44 6.35
CA ALA A 97 3.59 -0.70 6.81
C ALA A 97 3.98 0.69 7.31
N LEU A 98 5.21 0.82 7.78
CA LEU A 98 5.70 2.10 8.29
C LEU A 98 5.94 3.09 7.16
N LEU A 99 6.64 2.64 6.12
CA LEU A 99 7.03 3.52 5.02
C LEU A 99 5.84 3.93 4.16
N ASP A 100 4.79 3.11 4.15
CA ASP A 100 3.60 3.43 3.38
C ASP A 100 2.47 3.93 4.28
N SER A 101 2.79 4.13 5.55
CA SER A 101 1.85 4.67 6.54
C SER A 101 0.54 3.88 6.58
N VAL A 102 0.65 2.56 6.76
CA VAL A 102 -0.52 1.69 6.80
C VAL A 102 -0.87 1.31 8.23
N PRO A 103 -2.13 1.56 8.62
CA PRO A 103 -2.61 1.23 9.98
C PRO A 103 -2.58 -0.27 10.22
N LEU A 104 -1.74 -0.70 11.16
CA LEU A 104 -1.55 -2.12 11.41
C LEU A 104 -1.18 -2.40 12.86
N VAL A 105 -1.80 -3.43 13.43
CA VAL A 105 -1.49 -3.84 14.80
C VAL A 105 -0.98 -5.28 14.83
N ALA A 106 0.27 -5.45 15.26
CA ALA A 106 0.87 -6.77 15.33
C ALA A 106 1.02 -7.24 16.77
N ILE A 107 0.55 -8.45 17.05
CA ILE A 107 0.67 -9.02 18.38
C ILE A 107 1.57 -10.25 18.36
N THR A 108 2.66 -10.19 19.12
CA THR A 108 3.60 -11.29 19.18
C THR A 108 3.67 -11.90 20.57
N GLY A 109 3.66 -13.24 20.62
CA GLY A 109 3.85 -13.94 21.86
C GLY A 109 5.28 -13.77 22.34
N GLN A 110 5.51 -14.02 23.63
CA GLN A 110 6.85 -13.86 24.20
C GLN A 110 7.04 -14.82 25.36
N VAL A 111 8.29 -15.17 25.63
CA VAL A 111 8.64 -15.98 26.80
C VAL A 111 8.14 -15.30 28.08
N PRO A 112 7.91 -16.09 29.14
CA PRO A 112 7.50 -15.53 30.43
C PRO A 112 8.41 -14.40 30.91
N ARG A 113 7.85 -13.47 31.67
CA ARG A 113 8.58 -12.29 32.14
C ARG A 113 9.87 -12.66 32.88
N ARG A 114 9.86 -13.81 33.53
CA ARG A 114 11.00 -14.25 34.34
C ARG A 114 12.19 -14.65 33.47
N MET A 115 11.95 -14.86 32.19
CA MET A 115 12.97 -15.41 31.29
C MET A 115 13.46 -14.41 30.24
N ILE A 116 13.03 -13.16 30.36
CA ILE A 116 13.40 -12.15 29.37
C ILE A 116 14.82 -11.62 29.59
N GLY A 117 15.71 -11.95 28.67
CA GLY A 117 17.08 -11.47 28.73
C GLY A 117 18.10 -12.59 28.90
N THR A 118 17.61 -13.82 29.02
CA THR A 118 18.47 -14.97 29.25
C THR A 118 18.75 -15.75 27.97
N ASP A 119 18.44 -15.14 26.83
CA ASP A 119 18.56 -15.80 25.52
C ASP A 119 17.86 -17.16 25.53
N ALA A 120 16.65 -17.18 26.08
CA ALA A 120 15.90 -18.40 26.26
C ALA A 120 15.45 -19.02 24.93
N PHE A 121 14.75 -20.14 25.02
CA PHE A 121 14.26 -20.84 23.85
C PHE A 121 13.23 -20.00 23.09
N GLN A 122 13.51 -19.76 21.81
CA GLN A 122 12.67 -18.94 20.95
C GLN A 122 12.47 -17.53 21.50
N GLU A 123 13.55 -16.93 21.99
N GLU A 123 13.56 -16.94 22.00
CA GLU A 123 13.49 -15.58 22.53
CA GLU A 123 13.52 -15.58 22.52
C GLU A 123 14.26 -14.58 21.66
C GLU A 123 14.25 -14.61 21.60
N THR A 124 13.57 -13.52 21.24
CA THR A 124 14.18 -12.44 20.49
C THR A 124 13.61 -11.13 21.02
N PRO A 125 14.50 -10.18 21.34
CA PRO A 125 14.04 -8.85 21.78
C PRO A 125 13.33 -8.13 20.65
N ILE A 126 12.12 -8.56 20.32
CA ILE A 126 11.40 -8.08 19.16
C ILE A 126 11.05 -6.60 19.29
N VAL A 127 10.92 -6.12 20.52
CA VAL A 127 10.68 -4.70 20.77
C VAL A 127 11.92 -3.91 20.39
N GLU A 128 13.08 -4.41 20.79
CA GLU A 128 14.35 -3.78 20.46
C GLU A 128 14.60 -3.82 18.96
N VAL A 129 14.19 -4.92 18.33
CA VAL A 129 14.38 -5.12 16.90
C VAL A 129 13.49 -4.20 16.07
N THR A 130 12.21 -4.11 16.45
CA THR A 130 11.21 -3.43 15.64
C THR A 130 10.95 -1.97 16.03
N ARG A 131 11.77 -1.43 16.94
CA ARG A 131 11.56 -0.06 17.41
C ARG A 131 11.73 0.96 16.28
N SER A 132 12.70 0.73 15.41
CA SER A 132 13.02 1.67 14.34
C SER A 132 12.19 1.43 13.08
N ILE A 133 11.37 0.38 13.09
CA ILE A 133 10.54 0.06 11.93
C ILE A 133 9.06 -0.05 12.28
N THR A 134 8.69 0.52 13.43
CA THR A 134 7.29 0.63 13.82
C THR A 134 6.99 2.04 14.29
N LYS A 135 5.73 2.44 14.23
CA LYS A 135 5.32 3.73 14.77
C LYS A 135 5.55 3.73 16.28
N HIS A 136 5.19 2.62 16.91
CA HIS A 136 5.39 2.44 18.34
C HIS A 136 5.24 0.97 18.69
N ASN A 137 5.86 0.54 19.79
CA ASN A 137 5.69 -0.83 20.24
C ASN A 137 5.61 -0.95 21.77
N TYR A 138 5.09 -2.07 22.24
CA TYR A 138 4.88 -2.27 23.68
C TYR A 138 5.42 -3.61 24.16
N LEU A 139 5.80 -3.65 25.44
CA LEU A 139 6.11 -4.91 26.10
C LEU A 139 5.29 -5.00 27.38
N VAL A 140 4.21 -5.78 27.33
CA VAL A 140 3.28 -5.90 28.44
C VAL A 140 3.95 -6.57 29.65
N MET A 141 4.04 -5.85 30.75
CA MET A 141 4.67 -6.38 31.95
C MET A 141 3.67 -6.65 33.06
N ASP A 142 2.38 -6.54 32.74
CA ASP A 142 1.33 -6.83 33.69
C ASP A 142 0.00 -7.06 32.97
N VAL A 143 -0.76 -8.04 33.43
CA VAL A 143 -2.03 -8.41 32.81
C VAL A 143 -3.05 -7.26 32.88
N GLU A 144 -2.86 -6.37 33.85
CA GLU A 144 -3.79 -5.25 34.05
C GLU A 144 -3.60 -4.15 33.01
N ASP A 145 -2.46 -4.18 32.31
CA ASP A 145 -2.15 -3.15 31.32
C ASP A 145 -2.68 -3.50 29.93
N ILE A 146 -3.21 -4.71 29.80
CA ILE A 146 -3.70 -5.20 28.50
C ILE A 146 -4.80 -4.34 27.89
N PRO A 147 -5.86 -4.00 28.65
CA PRO A 147 -6.91 -3.20 28.00
C PRO A 147 -6.44 -1.81 27.58
N ARG A 148 -5.53 -1.23 28.35
CA ARG A 148 -5.01 0.11 28.06
C ARG A 148 -4.10 0.10 26.85
N ILE A 149 -3.12 -0.79 26.86
CA ILE A 149 -2.12 -0.88 25.78
C ILE A 149 -2.77 -1.16 24.43
N ILE A 150 -3.71 -2.11 24.41
CA ILE A 150 -4.43 -2.43 23.18
C ILE A 150 -5.20 -1.22 22.65
N GLU A 151 -5.81 -0.47 23.56
CA GLU A 151 -6.51 0.75 23.17
C GLU A 151 -5.53 1.79 22.63
N GLU A 152 -4.38 1.92 23.27
CA GLU A 152 -3.34 2.84 22.83
C GLU A 152 -2.74 2.38 21.50
N ALA A 153 -2.63 1.07 21.32
CA ALA A 153 -2.06 0.50 20.10
C ALA A 153 -2.93 0.82 18.89
N PHE A 154 -4.23 0.56 19.00
CA PHE A 154 -5.16 0.81 17.91
C PHE A 154 -5.32 2.31 17.65
N PHE A 155 -5.23 3.10 18.70
CA PHE A 155 -5.35 4.55 18.56
C PHE A 155 -4.16 5.12 17.81
N LEU A 156 -2.95 4.69 18.20
CA LEU A 156 -1.73 5.17 17.56
C LEU A 156 -1.61 4.70 16.12
N ALA A 157 -2.10 3.49 15.86
CA ALA A 157 -1.97 2.90 14.52
C ALA A 157 -2.90 3.54 13.50
N THR A 158 -4.03 4.07 13.96
CA THR A 158 -5.05 4.58 13.06
C THR A 158 -5.09 6.11 13.00
N SER A 159 -4.78 6.76 14.11
CA SER A 159 -4.86 8.23 14.18
C SER A 159 -3.58 8.89 13.68
N GLY A 160 -3.68 10.19 13.41
CA GLY A 160 -2.56 10.96 12.89
C GLY A 160 -2.06 10.38 11.58
N ARG A 161 -0.75 10.23 11.46
CA ARG A 161 -0.18 9.50 10.34
C ARG A 161 -0.12 8.03 10.70
N PRO A 162 -0.97 7.21 10.06
CA PRO A 162 -1.11 5.78 10.38
C PRO A 162 0.21 5.03 10.29
N GLY A 163 0.31 3.93 11.03
CA GLY A 163 1.53 3.13 11.04
C GLY A 163 1.36 1.84 11.80
N PRO A 164 2.38 0.98 11.78
CA PRO A 164 2.38 -0.30 12.47
C PRO A 164 2.68 -0.17 13.96
N VAL A 165 1.91 -0.86 14.80
CA VAL A 165 2.16 -0.89 16.23
C VAL A 165 2.24 -2.33 16.72
N LEU A 166 3.34 -2.67 17.37
CA LEU A 166 3.56 -4.04 17.84
C LEU A 166 3.36 -4.16 19.34
N VAL A 167 2.66 -5.21 19.76
CA VAL A 167 2.47 -5.47 21.19
C VAL A 167 3.00 -6.84 21.56
N ASP A 168 4.10 -6.87 22.30
CA ASP A 168 4.72 -8.11 22.72
C ASP A 168 4.12 -8.59 24.03
N VAL A 169 3.55 -9.79 24.03
CA VAL A 169 2.86 -10.33 25.20
C VAL A 169 3.51 -11.59 25.74
N PRO A 170 4.06 -11.52 26.96
CA PRO A 170 4.66 -12.67 27.66
C PRO A 170 3.65 -13.80 27.87
N LYS A 171 4.14 -15.04 27.88
N LYS A 171 4.14 -15.04 27.88
CA LYS A 171 3.28 -16.21 27.99
CA LYS A 171 3.29 -16.21 27.99
C LYS A 171 2.56 -16.28 29.34
C LYS A 171 2.57 -16.29 29.33
N ASP A 172 3.26 -15.92 30.40
CA ASP A 172 2.70 -15.99 31.75
C ASP A 172 1.59 -14.96 31.96
N ILE A 173 1.68 -13.84 31.23
CA ILE A 173 0.65 -12.81 31.29
C ILE A 173 -0.65 -13.33 30.67
N GLN A 174 -0.52 -14.11 29.61
CA GLN A 174 -1.67 -14.71 28.94
C GLN A 174 -2.40 -15.69 29.84
N GLN A 175 -1.65 -16.36 30.70
CA GLN A 175 -2.21 -17.41 31.56
C GLN A 175 -2.78 -16.84 32.86
N GLN A 176 -2.29 -15.67 33.27
CA GLN A 176 -2.68 -15.07 34.53
C GLN A 176 -4.14 -14.64 34.54
N LEU A 177 -4.87 -15.06 35.58
CA LEU A 177 -6.29 -14.72 35.72
C LEU A 177 -6.43 -13.32 36.30
N ALA A 178 -7.36 -12.54 35.74
CA ALA A 178 -7.58 -11.17 36.21
C ALA A 178 -8.93 -10.63 35.77
N ILE A 179 -9.34 -9.51 36.37
CA ILE A 179 -10.56 -8.80 35.99
C ILE A 179 -10.21 -7.49 35.32
N PRO A 180 -10.48 -7.40 34.00
CA PRO A 180 -10.07 -6.25 33.19
C PRO A 180 -10.87 -4.97 33.47
N ASN A 181 -10.17 -3.84 33.44
CA ASN A 181 -10.81 -2.53 33.54
C ASN A 181 -10.77 -1.83 32.18
N TRP A 182 -11.95 -1.68 31.56
CA TRP A 182 -12.02 -1.16 30.21
C TRP A 182 -12.16 0.36 30.16
N GLU A 183 -12.28 0.99 31.33
CA GLU A 183 -12.51 2.42 31.40
C GLU A 183 -11.29 3.20 31.89
N GLN A 184 -10.11 2.62 31.75
CA GLN A 184 -8.88 3.30 32.13
C GLN A 184 -8.38 4.20 31.01
N ALA A 185 -7.91 5.39 31.39
CA ALA A 185 -7.50 6.40 30.41
C ALA A 185 -6.15 6.06 29.77
N MET A 186 -6.01 6.44 28.51
CA MET A 186 -4.77 6.20 27.77
C MET A 186 -3.64 7.10 28.26
N ARG A 187 -2.43 6.55 28.32
CA ARG A 187 -1.27 7.31 28.74
C ARG A 187 -0.49 7.86 27.55
N LEU A 188 -1.12 8.74 26.78
CA LEU A 188 -0.45 9.38 25.65
C LEU A 188 -0.62 10.90 25.70
N PRO A 189 -0.07 11.55 26.74
CA PRO A 189 -0.28 12.99 26.91
C PRO A 189 0.49 13.83 25.89
N GLY A 190 1.71 13.41 25.56
CA GLY A 190 2.54 14.14 24.63
C GLY A 190 2.06 14.00 23.20
N TYR A 191 1.66 12.78 22.82
CA TYR A 191 1.20 12.49 21.47
C TYR A 191 -0.06 13.26 21.12
N MET A 192 -0.99 13.32 22.05
CA MET A 192 -2.27 13.96 21.80
C MET A 192 -2.17 15.48 21.81
N SER A 193 -1.18 16.00 22.55
CA SER A 193 -0.97 17.44 22.60
C SER A 193 -0.37 17.94 21.27
N ARG A 194 0.32 17.05 20.58
CA ARG A 194 1.00 17.39 19.33
C ARG A 194 0.12 17.06 18.12
N MET A 195 -1.05 16.48 18.37
CA MET A 195 -1.99 16.17 17.30
C MET A 195 -2.49 17.45 16.65
N PRO A 196 -2.37 17.54 15.33
CA PRO A 196 -2.83 18.71 14.56
C PRO A 196 -4.31 18.98 14.77
N LYS A 197 -4.66 20.25 15.00
CA LYS A 197 -6.05 20.66 15.11
C LYS A 197 -6.54 21.22 13.77
N PRO A 198 -7.86 21.26 13.55
CA PRO A 198 -8.44 21.76 12.29
C PRO A 198 -7.81 23.05 11.78
N PRO A 199 -7.55 23.13 10.47
CA PRO A 199 -6.87 24.26 9.84
C PRO A 199 -7.61 25.57 10.04
N GLU A 200 -6.86 26.64 10.31
CA GLU A 200 -7.45 27.96 10.48
C GLU A 200 -7.87 28.51 9.13
N ASP A 201 -8.88 29.38 9.14
CA ASP A 201 -9.33 30.04 7.92
C ASP A 201 -8.26 31.00 7.41
N SER A 202 -7.33 31.36 8.29
CA SER A 202 -6.21 32.22 7.94
C SER A 202 -5.36 31.59 6.83
N HIS A 203 -4.85 30.38 7.08
CA HIS A 203 -3.98 29.70 6.14
C HIS A 203 -4.68 29.32 4.84
N LEU A 204 -5.94 28.91 4.95
CA LEU A 204 -6.68 28.36 3.82
C LEU A 204 -6.94 29.37 2.70
N GLU A 205 -7.34 30.58 3.07
CA GLU A 205 -7.67 31.59 2.08
C GLU A 205 -6.42 32.24 1.48
N GLN A 206 -5.27 32.03 2.13
CA GLN A 206 -4.01 32.46 1.56
C GLN A 206 -3.63 31.54 0.40
N ILE A 207 -3.95 30.26 0.55
CA ILE A 207 -3.73 29.28 -0.51
C ILE A 207 -4.64 29.57 -1.69
N VAL A 208 -5.93 29.79 -1.40
CA VAL A 208 -6.91 30.16 -2.40
C VAL A 208 -6.47 31.44 -3.12
N ARG A 209 -5.86 32.34 -2.37
CA ARG A 209 -5.30 33.57 -2.92
C ARG A 209 -4.20 33.27 -3.94
N LEU A 210 -3.31 32.35 -3.59
CA LEU A 210 -2.20 31.99 -4.46
C LEU A 210 -2.69 31.28 -5.72
N ILE A 211 -3.82 30.59 -5.61
CA ILE A 211 -4.41 29.89 -6.74
C ILE A 211 -4.82 30.86 -7.84
N SER A 212 -5.40 31.99 -7.45
CA SER A 212 -5.85 32.99 -8.41
C SER A 212 -4.70 33.80 -8.97
N GLU A 213 -3.61 33.91 -8.19
CA GLU A 213 -2.45 34.69 -8.60
C GLU A 213 -1.53 33.91 -9.54
N SER A 214 -1.68 32.60 -9.54
CA SER A 214 -0.91 31.74 -10.44
C SER A 214 -1.82 31.20 -11.53
N LYS A 215 -1.31 31.12 -12.76
CA LYS A 215 -2.11 30.65 -13.87
C LYS A 215 -1.57 29.34 -14.46
N LYS A 216 -0.60 28.74 -13.77
CA LYS A 216 -0.09 27.43 -14.17
C LYS A 216 0.07 26.48 -12.96
N PRO A 217 -1.02 26.18 -12.25
CA PRO A 217 -0.93 25.37 -11.04
C PRO A 217 -1.02 23.87 -11.30
N VAL A 218 -0.43 23.07 -10.41
CA VAL A 218 -0.46 21.62 -10.54
C VAL A 218 -0.75 20.97 -9.18
N LEU A 219 -1.72 20.06 -9.16
CA LEU A 219 -2.03 19.31 -7.95
C LEU A 219 -1.09 18.13 -7.77
N TYR A 220 -0.43 18.08 -6.61
CA TYR A 220 0.50 17.01 -6.28
C TYR A 220 -0.12 16.11 -5.21
N VAL A 221 -0.89 15.12 -5.65
CA VAL A 221 -1.69 14.28 -4.76
C VAL A 221 -0.99 12.97 -4.42
N GLY A 222 -1.05 12.58 -3.15
CA GLY A 222 -0.43 11.35 -2.69
C GLY A 222 -1.33 10.48 -1.81
N GLY A 223 -0.70 9.61 -1.04
CA GLY A 223 -1.42 8.66 -0.21
C GLY A 223 -2.15 9.28 0.98
N GLY A 224 -1.94 10.57 1.19
CA GLY A 224 -2.62 11.28 2.26
C GLY A 224 -4.04 11.67 1.90
N CYS A 225 -4.41 11.48 0.63
CA CYS A 225 -5.73 11.85 0.16
C CYS A 225 -6.63 10.63 -0.07
N LEU A 226 -6.24 9.49 0.49
CA LEU A 226 -7.00 8.26 0.29
C LEU A 226 -8.38 8.30 0.92
N ASN A 227 -8.58 9.23 1.86
CA ASN A 227 -9.86 9.39 2.52
C ASN A 227 -10.52 10.72 2.16
N SER A 228 -10.10 11.31 1.05
CA SER A 228 -10.60 12.61 0.64
C SER A 228 -11.00 12.62 -0.83
N SER A 229 -11.47 11.48 -1.33
CA SER A 229 -11.84 11.34 -2.73
C SER A 229 -12.90 12.35 -3.16
N ASP A 230 -13.93 12.50 -2.32
CA ASP A 230 -15.02 13.41 -2.62
C ASP A 230 -14.57 14.87 -2.57
N GLU A 231 -13.85 15.21 -1.51
CA GLU A 231 -13.40 16.58 -1.30
C GLU A 231 -12.40 17.03 -2.35
N LEU A 232 -11.56 16.10 -2.80
CA LEU A 232 -10.55 16.40 -3.81
C LEU A 232 -11.20 16.67 -5.17
N GLY A 233 -12.13 15.82 -5.55
CA GLY A 233 -12.84 15.97 -6.81
C GLY A 233 -13.66 17.25 -6.83
N ARG A 234 -14.24 17.60 -5.70
CA ARG A 234 -14.99 18.83 -5.56
C ARG A 234 -14.07 20.03 -5.69
N PHE A 235 -12.86 19.89 -5.17
CA PHE A 235 -11.85 20.94 -5.24
C PHE A 235 -11.38 21.17 -6.68
N VAL A 236 -11.26 20.09 -7.43
CA VAL A 236 -10.82 20.16 -8.81
C VAL A 236 -11.85 20.88 -9.67
N GLU A 237 -13.14 20.61 -9.43
CA GLU A 237 -14.21 21.27 -10.15
C GLU A 237 -14.18 22.77 -9.95
N LEU A 238 -13.94 23.20 -8.71
CA LEU A 238 -13.93 24.61 -8.36
C LEU A 238 -12.69 25.34 -8.90
N THR A 239 -11.63 24.58 -9.15
CA THR A 239 -10.36 25.18 -9.59
C THR A 239 -10.05 24.89 -11.05
N GLY A 240 -10.19 23.62 -11.44
CA GLY A 240 -9.85 23.21 -12.79
C GLY A 240 -8.36 22.93 -12.92
N ILE A 241 -7.72 22.68 -11.78
CA ILE A 241 -6.29 22.40 -11.74
C ILE A 241 -6.00 20.94 -12.07
N PRO A 242 -5.09 20.70 -13.03
CA PRO A 242 -4.68 19.34 -13.39
C PRO A 242 -4.11 18.58 -12.21
N VAL A 243 -4.28 17.26 -12.19
CA VAL A 243 -3.90 16.46 -11.03
C VAL A 243 -2.79 15.46 -11.33
N ALA A 244 -1.69 15.58 -10.60
CA ALA A 244 -0.61 14.60 -10.67
C ALA A 244 -0.61 13.75 -9.40
N SER A 245 -0.69 12.43 -9.58
CA SER A 245 -0.78 11.51 -8.45
C SER A 245 0.49 10.70 -8.28
N THR A 246 0.72 10.19 -7.08
CA THR A 246 1.87 9.34 -6.82
C THR A 246 1.50 7.87 -6.86
N LEU A 247 2.50 7.01 -6.68
CA LEU A 247 2.28 5.57 -6.66
C LEU A 247 1.32 5.20 -5.53
N MET A 248 1.40 5.92 -4.42
CA MET A 248 0.59 5.64 -3.26
C MET A 248 -0.77 6.33 -3.30
N GLY A 249 -0.91 7.30 -4.20
CA GLY A 249 -2.11 8.11 -4.24
C GLY A 249 -3.03 7.84 -5.41
N LEU A 250 -2.79 6.75 -6.13
CA LEU A 250 -3.61 6.39 -7.28
C LEU A 250 -5.05 6.11 -6.87
N GLY A 251 -5.99 6.59 -7.67
CA GLY A 251 -7.40 6.34 -7.40
C GLY A 251 -8.08 7.49 -6.69
N SER A 252 -7.30 8.30 -5.99
CA SER A 252 -7.82 9.47 -5.28
C SER A 252 -8.57 10.37 -6.25
N TYR A 253 -7.94 10.66 -7.38
CA TYR A 253 -8.60 11.33 -8.49
C TYR A 253 -8.60 10.37 -9.68
N PRO A 254 -9.78 10.13 -10.26
CA PRO A 254 -9.99 9.17 -11.35
C PRO A 254 -8.95 9.29 -12.47
N ASP A 256 -8.91 8.05 -15.42
CA ASP A 256 -9.48 8.16 -16.76
C ASP A 256 -9.97 9.58 -17.07
N ASP A 257 -9.95 10.43 -16.06
CA ASP A 257 -10.45 11.79 -16.20
C ASP A 257 -9.57 12.62 -17.14
N GLU A 258 -10.17 13.68 -17.69
CA GLU A 258 -9.49 14.53 -18.67
C GLU A 258 -8.55 15.52 -18.00
N LEU A 259 -8.75 15.75 -16.70
CA LEU A 259 -7.89 16.64 -15.93
C LEU A 259 -6.76 15.87 -15.27
N SER A 260 -6.76 14.56 -15.46
CA SER A 260 -5.78 13.69 -14.83
C SER A 260 -4.45 13.66 -15.59
N LEU A 261 -3.38 13.98 -14.90
CA LEU A 261 -2.03 13.89 -15.46
C LEU A 261 -1.43 12.53 -15.13
N HIS A 262 -2.23 11.70 -14.46
CA HIS A 262 -1.82 10.38 -14.00
C HIS A 262 -0.59 10.47 -13.08
N MET A 263 0.23 9.42 -13.09
CA MET A 263 1.36 9.36 -12.16
C MET A 263 2.53 10.25 -12.58
N LEU A 264 3.14 10.92 -11.61
CA LEU A 264 4.36 11.67 -11.83
C LEU A 264 5.52 10.95 -11.17
N GLY A 265 6.75 11.32 -11.54
CA GLY A 265 7.93 10.74 -10.90
C GLY A 265 8.89 10.04 -11.83
N MET A 266 9.66 9.12 -11.25
CA MET A 266 10.69 8.37 -11.99
C MET A 266 10.09 7.62 -13.18
N HIS A 267 9.03 6.87 -12.93
CA HIS A 267 8.34 6.13 -13.98
C HIS A 267 6.97 6.74 -14.26
N GLY A 268 6.80 8.01 -13.89
CA GLY A 268 5.57 8.72 -14.14
C GLY A 268 5.51 9.20 -15.58
N THR A 269 4.33 9.62 -16.02
CA THR A 269 4.15 10.08 -17.39
C THR A 269 4.95 11.36 -17.64
N VAL A 270 5.28 11.59 -18.91
CA VAL A 270 6.08 12.76 -19.28
C VAL A 270 5.33 14.06 -19.03
N TYR A 271 4.04 14.08 -19.35
CA TYR A 271 3.24 15.29 -19.22
C TYR A 271 2.97 15.65 -17.77
N ALA A 272 2.98 14.66 -16.89
CA ALA A 272 2.83 14.92 -15.46
C ALA A 272 4.08 15.59 -14.91
N ASN A 273 5.24 15.04 -15.28
CA ASN A 273 6.53 15.60 -14.85
C ASN A 273 6.78 16.97 -15.46
N TYR A 274 6.33 17.16 -16.70
CA TYR A 274 6.45 18.44 -17.38
C TYR A 274 5.64 19.51 -16.66
N ALA A 275 4.46 19.12 -16.19
CA ALA A 275 3.57 20.02 -15.48
C ALA A 275 4.22 20.58 -14.23
N VAL A 276 4.81 19.69 -13.43
CA VAL A 276 5.47 20.08 -12.20
C VAL A 276 6.73 20.90 -12.50
N GLU A 277 7.42 20.53 -13.57
CA GLU A 277 8.67 21.20 -13.96
C GLU A 277 8.42 22.66 -14.34
N HIS A 278 7.29 22.92 -14.99
CA HIS A 278 6.99 24.26 -15.48
C HIS A 278 5.81 24.89 -14.75
N SER A 279 5.55 24.43 -13.53
CA SER A 279 4.48 25.00 -12.72
C SER A 279 4.98 26.23 -11.95
N ASP A 280 4.05 27.10 -11.58
CA ASP A 280 4.38 28.26 -10.75
C ASP A 280 3.75 28.11 -9.38
N LEU A 281 2.78 27.21 -9.28
CA LEU A 281 2.15 26.87 -8.01
C LEU A 281 1.99 25.36 -7.88
N LEU A 282 2.61 24.78 -6.86
CA LEU A 282 2.53 23.35 -6.63
C LEU A 282 1.72 23.05 -5.38
N LEU A 283 0.56 22.42 -5.57
CA LEU A 283 -0.30 22.06 -4.44
C LEU A 283 -0.01 20.64 -3.97
N ALA A 284 0.97 20.50 -3.09
CA ALA A 284 1.39 19.20 -2.58
C ALA A 284 0.50 18.74 -1.43
N PHE A 285 -0.51 17.94 -1.76
CA PHE A 285 -1.46 17.46 -0.77
C PHE A 285 -1.26 15.97 -0.46
N GLY A 286 -0.91 15.67 0.78
CA GLY A 286 -0.76 14.29 1.23
C GLY A 286 0.40 13.55 0.61
N VAL A 287 1.52 14.25 0.45
CA VAL A 287 2.72 13.66 -0.13
C VAL A 287 3.91 13.82 0.82
N ARG A 288 5.04 13.21 0.47
CA ARG A 288 6.24 13.33 1.31
C ARG A 288 7.50 13.55 0.48
N PHE A 289 7.33 13.99 -0.77
CA PHE A 289 8.44 14.39 -1.63
C PHE A 289 9.55 13.34 -1.71
N ASP A 290 9.18 12.11 -2.04
CA ASP A 290 10.15 11.02 -2.13
C ASP A 290 11.13 11.25 -3.28
N ASP A 291 12.32 10.66 -3.17
CA ASP A 291 13.35 10.82 -4.19
C ASP A 291 12.95 10.16 -5.50
N ARG A 292 12.01 9.24 -5.44
CA ARG A 292 11.50 8.57 -6.64
C ARG A 292 10.55 9.48 -7.41
N VAL A 293 10.19 10.60 -6.80
CA VAL A 293 9.29 11.56 -7.43
C VAL A 293 10.03 12.84 -7.82
N THR A 294 10.99 13.23 -6.99
CA THR A 294 11.68 14.50 -7.17
C THR A 294 13.00 14.35 -7.91
N GLY A 295 13.72 13.26 -7.64
CA GLY A 295 15.05 13.08 -8.17
C GLY A 295 16.00 14.05 -7.47
N LYS A 296 16.56 14.98 -8.21
CA LYS A 296 17.36 16.05 -7.61
C LYS A 296 16.42 17.17 -7.18
N LEU A 297 16.38 17.42 -5.87
CA LEU A 297 15.41 18.33 -5.27
C LEU A 297 15.50 19.76 -5.79
N GLU A 298 16.71 20.21 -6.10
CA GLU A 298 16.93 21.59 -6.52
C GLU A 298 16.25 21.91 -7.85
N ALA A 299 16.05 20.89 -8.68
CA ALA A 299 15.43 21.09 -9.99
C ALA A 299 13.93 20.79 -9.96
N PHE A 300 13.50 20.06 -8.94
CA PHE A 300 12.10 19.69 -8.80
C PHE A 300 11.25 20.89 -8.43
N ALA A 301 10.35 21.29 -9.33
CA ALA A 301 9.49 22.45 -9.16
C ALA A 301 10.31 23.70 -8.81
N SER A 302 11.33 23.96 -9.62
CA SER A 302 12.28 25.03 -9.34
C SER A 302 11.65 26.41 -9.40
N ARG A 303 10.68 26.59 -10.30
CA ARG A 303 10.05 27.89 -10.49
C ARG A 303 8.63 27.92 -9.93
N ALA A 304 8.32 26.97 -9.06
CA ALA A 304 6.97 26.85 -8.52
C ALA A 304 6.88 27.29 -7.05
N LYS A 305 5.85 28.06 -6.74
CA LYS A 305 5.53 28.39 -5.35
C LYS A 305 4.86 27.18 -4.70
N ILE A 306 5.55 26.57 -3.76
CA ILE A 306 5.13 25.27 -3.22
C ILE A 306 4.22 25.38 -1.99
N VAL A 307 3.06 24.75 -2.08
CA VAL A 307 2.13 24.66 -0.97
C VAL A 307 2.05 23.22 -0.49
N HIS A 308 2.34 22.99 0.79
CA HIS A 308 2.40 21.63 1.33
C HIS A 308 1.45 21.43 2.50
N ILE A 309 0.57 20.44 2.38
CA ILE A 309 -0.34 20.08 3.46
C ILE A 309 -0.13 18.65 3.91
N ASP A 310 0.23 18.47 5.17
CA ASP A 310 0.50 17.14 5.71
C ASP A 310 0.11 17.07 7.18
N ILE A 311 -0.32 15.89 7.62
CA ILE A 311 -0.73 15.69 9.00
C ILE A 311 0.49 15.40 9.87
N ASP A 312 1.63 15.22 9.23
CA ASP A 312 2.89 15.03 9.94
C ASP A 312 3.76 16.27 9.80
N SER A 313 4.06 16.91 10.92
CA SER A 313 4.84 18.14 10.93
C SER A 313 6.30 17.89 10.55
N ALA A 314 6.74 16.65 10.71
CA ALA A 314 8.13 16.29 10.44
C ALA A 314 8.41 16.22 8.94
N GLU A 315 7.36 16.06 8.15
CA GLU A 315 7.50 15.95 6.71
C GLU A 315 7.53 17.33 6.04
N ILE A 316 7.09 18.34 6.78
CA ILE A 316 7.06 19.71 6.26
C ILE A 316 8.44 20.35 6.32
N GLY A 317 8.99 20.64 5.13
CA GLY A 317 10.32 21.23 5.04
C GLY A 317 11.41 20.20 5.23
N LYS A 318 11.07 18.93 4.97
CA LYS A 318 12.01 17.83 5.14
C LYS A 318 13.03 17.79 4.01
N ASN A 319 12.54 17.54 2.80
CA ASN A 319 13.42 17.46 1.62
C ASN A 319 13.30 18.71 0.76
N LYS A 320 12.08 19.20 0.60
CA LYS A 320 11.84 20.39 -0.22
C LYS A 320 11.19 21.49 0.62
N THR A 321 11.87 22.63 0.70
CA THR A 321 11.39 23.75 1.50
C THR A 321 10.19 24.43 0.85
N PRO A 322 9.04 24.43 1.54
CA PRO A 322 7.78 24.99 1.03
C PRO A 322 7.63 26.48 1.32
N HIS A 323 6.77 27.14 0.55
CA HIS A 323 6.40 28.52 0.81
C HIS A 323 5.34 28.57 1.90
N VAL A 324 4.19 27.98 1.59
CA VAL A 324 3.06 27.91 2.51
C VAL A 324 2.86 26.49 3.00
N SER A 325 2.65 26.33 4.30
CA SER A 325 2.46 25.01 4.90
C SER A 325 1.25 24.97 5.82
N VAL A 326 0.48 23.89 5.72
CA VAL A 326 -0.65 23.67 6.61
C VAL A 326 -0.55 22.29 7.24
N CYS A 327 -0.29 22.24 8.54
CA CYS A 327 -0.17 20.97 9.25
C CYS A 327 -1.54 20.51 9.76
N GLY A 328 -2.06 19.46 9.14
CA GLY A 328 -3.34 18.92 9.54
C GLY A 328 -3.94 17.97 8.50
N ASP A 329 -5.17 17.54 8.77
CA ASP A 329 -5.87 16.63 7.86
C ASP A 329 -6.25 17.34 6.57
N VAL A 330 -5.77 16.82 5.45
CA VAL A 330 -6.01 17.42 4.14
C VAL A 330 -7.50 17.36 3.78
N LYS A 331 -8.21 16.41 4.39
CA LYS A 331 -9.65 16.27 4.18
C LYS A 331 -10.37 17.52 4.66
N LEU A 332 -9.97 18.02 5.82
CA LEU A 332 -10.55 19.23 6.38
C LEU A 332 -10.09 20.47 5.62
N ALA A 333 -8.83 20.46 5.20
CA ALA A 333 -8.25 21.58 4.45
C ALA A 333 -8.99 21.77 3.13
N LEU A 334 -9.35 20.67 2.49
CA LEU A 334 -10.13 20.72 1.26
C LEU A 334 -11.52 21.27 1.52
N GLN A 335 -12.19 20.73 2.53
CA GLN A 335 -13.52 21.18 2.92
C GLN A 335 -13.55 22.67 3.21
N GLY A 336 -12.51 23.14 3.90
CA GLY A 336 -12.39 24.55 4.23
C GLY A 336 -12.20 25.40 2.99
N MET A 337 -11.33 24.93 2.09
CA MET A 337 -11.06 25.66 0.86
C MET A 337 -12.22 25.55 -0.13
N ASN A 338 -12.92 24.43 -0.10
CA ASN A 338 -14.06 24.23 -0.98
C ASN A 338 -15.20 25.21 -0.71
N LYS A 339 -15.48 25.44 0.57
CA LYS A 339 -16.56 26.35 0.95
C LYS A 339 -16.20 27.79 0.59
N VAL A 340 -14.91 28.08 0.52
CA VAL A 340 -14.44 29.41 0.15
C VAL A 340 -14.57 29.63 -1.34
N LEU A 341 -14.14 28.63 -2.12
CA LEU A 341 -14.14 28.73 -3.58
C LEU A 341 -15.53 28.94 -4.17
N GLU A 342 -16.53 28.31 -3.57
CA GLU A 342 -17.90 28.40 -4.08
C GLU A 342 -18.59 29.68 -3.63
N ASN A 343 -18.22 30.18 -2.45
CA ASN A 343 -18.78 31.40 -1.91
C ASN A 343 -18.04 32.62 -2.45
N ARG A 344 -17.01 32.36 -3.25
CA ARG A 344 -16.12 33.41 -3.76
C ARG A 344 -15.77 33.13 -5.21
N ALA A 345 -16.68 32.47 -5.92
CA ALA A 345 -16.44 32.09 -7.32
C ALA A 345 -16.46 33.30 -8.24
N GLU A 346 -17.19 34.33 -7.84
CA GLU A 346 -17.35 35.53 -8.67
C GLU A 346 -16.05 36.35 -8.73
N GLU A 347 -15.52 36.69 -7.57
CA GLU A 347 -14.31 37.51 -7.49
C GLU A 347 -13.12 36.83 -8.15
N LEU A 348 -13.01 35.51 -7.95
CA LEU A 348 -11.91 34.73 -8.52
C LEU A 348 -12.18 34.42 -9.98
N LYS A 349 -11.26 34.82 -10.85
CA LYS A 349 -11.36 34.51 -12.27
C LYS A 349 -11.35 33.00 -12.49
N LEU A 350 -10.28 32.36 -12.03
CA LEU A 350 -10.15 30.91 -12.05
C LEU A 350 -10.43 30.30 -13.42
N ASP A 351 -9.45 30.38 -14.31
CA ASP A 351 -9.55 29.74 -15.61
C ASP A 351 -8.16 29.38 -16.11
N PHE A 352 -7.77 28.13 -15.94
CA PHE A 352 -6.45 27.67 -16.33
C PHE A 352 -6.51 26.89 -17.64
N GLY A 353 -7.42 27.28 -18.51
CA GLY A 353 -7.60 26.62 -19.79
C GLY A 353 -6.37 26.68 -20.67
N VAL A 354 -5.67 27.81 -20.62
CA VAL A 354 -4.45 27.99 -21.40
C VAL A 354 -3.36 27.04 -20.93
N TRP A 355 -3.21 26.93 -19.61
CA TRP A 355 -2.23 26.03 -19.01
C TRP A 355 -2.64 24.57 -19.23
N ARG A 356 -3.94 24.31 -19.16
CA ARG A 356 -4.47 22.95 -19.38
C ARG A 356 -4.21 22.49 -20.81
N ASN A 357 -4.43 23.38 -21.78
CA ASN A 357 -4.19 23.05 -23.18
C ASN A 357 -2.71 22.91 -23.48
N GLU A 358 -1.88 23.62 -22.74
CA GLU A 358 -0.43 23.49 -22.86
C GLU A 358 0.02 22.09 -22.46
N LEU A 359 -0.59 21.58 -21.39
CA LEU A 359 -0.31 20.24 -20.91
C LEU A 359 -0.95 19.19 -21.81
N ASN A 360 -2.14 19.49 -22.33
CA ASN A 360 -2.85 18.57 -23.21
C ASN A 360 -2.09 18.34 -24.51
N VAL A 361 -1.25 19.29 -24.88
CA VAL A 361 -0.37 19.12 -26.03
C VAL A 361 0.68 18.05 -25.71
N GLN A 362 1.31 18.19 -24.55
CA GLN A 362 2.27 17.20 -24.08
C GLN A 362 1.61 15.83 -23.88
N LYS A 363 0.34 15.86 -23.50
CA LYS A 363 -0.42 14.64 -23.26
C LYS A 363 -0.65 13.84 -24.54
N GLN A 364 -0.60 14.54 -25.67
CA GLN A 364 -0.76 13.90 -26.97
C GLN A 364 0.58 13.70 -27.66
N LYS A 365 1.52 14.61 -27.39
CA LYS A 365 2.85 14.53 -27.97
C LYS A 365 3.64 13.37 -27.38
N PHE A 366 3.71 13.30 -26.06
CA PHE A 366 4.44 12.24 -25.35
C PHE A 366 3.50 11.40 -24.47
N PRO A 367 2.67 10.55 -25.08
CA PRO A 367 1.76 9.72 -24.28
C PRO A 367 2.35 8.38 -23.89
N LEU A 368 1.67 7.64 -23.02
CA LEU A 368 2.09 6.30 -22.66
C LEU A 368 1.97 5.37 -23.85
N SER A 369 3.02 4.60 -24.13
CA SER A 369 3.03 3.76 -25.31
C SER A 369 3.70 2.40 -25.06
N PHE A 370 3.44 1.46 -25.97
CA PHE A 370 4.07 0.15 -25.93
C PHE A 370 4.07 -0.46 -27.33
N LYS A 371 5.03 -1.34 -27.59
CA LYS A 371 5.09 -2.00 -28.89
C LYS A 371 4.50 -3.40 -28.83
N THR A 372 3.92 -3.84 -29.93
CA THR A 372 3.39 -5.19 -30.03
C THR A 372 4.20 -6.00 -31.04
N PHE A 373 5.00 -6.94 -30.56
CA PHE A 373 5.86 -7.73 -31.42
C PHE A 373 5.21 -9.05 -31.83
N GLY A 374 4.79 -9.13 -33.08
CA GLY A 374 4.16 -10.32 -33.61
C GLY A 374 2.94 -10.74 -32.82
N GLU A 375 2.99 -11.93 -32.25
CA GLU A 375 1.90 -12.43 -31.42
C GLU A 375 2.30 -12.48 -29.95
N ALA A 376 3.49 -11.99 -29.65
CA ALA A 376 3.96 -11.92 -28.27
C ALA A 376 3.11 -10.93 -27.47
N ILE A 377 2.72 -11.34 -26.27
CA ILE A 377 1.85 -10.52 -25.42
C ILE A 377 2.58 -9.36 -24.78
N PRO A 378 2.15 -8.13 -25.09
CA PRO A 378 2.67 -6.97 -24.35
C PRO A 378 2.03 -6.91 -22.97
N PRO A 379 2.85 -6.92 -21.91
CA PRO A 379 2.34 -6.88 -20.53
C PRO A 379 1.48 -5.65 -20.28
N GLN A 380 1.79 -4.55 -20.96
CA GLN A 380 1.01 -3.33 -20.87
C GLN A 380 -0.38 -3.54 -21.44
N TYR A 381 -0.46 -4.34 -22.50
CA TYR A 381 -1.72 -4.62 -23.18
C TYR A 381 -2.61 -5.53 -22.33
N ALA A 382 -2.00 -6.51 -21.68
CA ALA A 382 -2.73 -7.47 -20.85
C ALA A 382 -3.46 -6.75 -19.70
N ILE A 383 -2.76 -5.82 -19.08
CA ILE A 383 -3.33 -5.06 -17.97
C ILE A 383 -4.46 -4.16 -18.46
N LYS A 384 -4.31 -3.63 -19.67
CA LYS A 384 -5.32 -2.78 -20.27
C LYS A 384 -6.60 -3.57 -20.57
N VAL A 385 -6.44 -4.84 -20.94
CA VAL A 385 -7.59 -5.72 -21.18
C VAL A 385 -8.30 -6.02 -19.86
N LEU A 386 -7.52 -6.25 -18.81
CA LEU A 386 -8.07 -6.49 -17.48
C LEU A 386 -8.90 -5.31 -17.01
N ASP A 387 -8.47 -4.11 -17.38
CA ASP A 387 -9.20 -2.89 -17.06
C ASP A 387 -10.57 -2.90 -17.74
N GLU A 388 -10.57 -3.23 -19.02
CA GLU A 388 -11.79 -3.24 -19.82
C GLU A 388 -12.78 -4.31 -19.34
N LEU A 389 -12.26 -5.49 -19.00
CA LEU A 389 -13.12 -6.62 -18.63
C LEU A 389 -13.56 -6.56 -17.17
N THR A 390 -13.00 -5.63 -16.40
CA THR A 390 -13.41 -5.44 -15.01
C THR A 390 -14.02 -4.07 -14.81
N ASP A 391 -14.06 -3.28 -15.89
CA ASP A 391 -14.62 -1.93 -15.88
C ASP A 391 -13.91 -1.04 -14.84
N GLY A 392 -12.63 -1.32 -14.60
CA GLY A 392 -11.83 -0.55 -13.66
C GLY A 392 -12.35 -0.56 -12.23
N LYS A 393 -13.07 -1.61 -11.89
CA LYS A 393 -13.67 -1.71 -10.55
C LYS A 393 -13.05 -2.84 -9.74
N ALA A 394 -11.96 -3.41 -10.25
CA ALA A 394 -11.29 -4.52 -9.59
C ALA A 394 -10.18 -4.04 -8.66
N ILE A 395 -10.15 -4.60 -7.45
CA ILE A 395 -9.07 -4.31 -6.51
C ILE A 395 -7.78 -4.96 -6.99
N ILE A 396 -6.74 -4.14 -7.18
CA ILE A 396 -5.48 -4.63 -7.71
C ILE A 396 -4.35 -4.59 -6.70
N SER A 397 -3.76 -5.75 -6.45
CA SER A 397 -2.54 -5.84 -5.64
C SER A 397 -1.40 -6.32 -6.52
N THR A 398 -0.20 -5.79 -6.30
CA THR A 398 0.94 -6.15 -7.12
C THR A 398 2.17 -6.52 -6.30
N GLY A 399 3.15 -7.10 -6.98
CA GLY A 399 4.46 -7.32 -6.38
C GLY A 399 5.30 -6.09 -6.58
N VAL A 400 6.59 -6.29 -6.83
CA VAL A 400 7.49 -5.17 -7.07
C VAL A 400 8.37 -5.43 -8.29
N GLY A 401 8.42 -4.46 -9.20
CA GLY A 401 9.22 -4.57 -10.40
C GLY A 401 8.55 -3.94 -11.60
N GLN A 402 8.86 -4.45 -12.79
CA GLN A 402 8.31 -3.92 -14.03
C GLN A 402 6.79 -4.05 -14.07
N HIS A 403 6.29 -5.20 -13.64
CA HIS A 403 4.85 -5.46 -13.64
C HIS A 403 4.11 -4.50 -12.71
N GLN A 404 4.78 -4.09 -11.65
CA GLN A 404 4.20 -3.17 -10.68
C GLN A 404 3.93 -1.81 -11.31
N MET A 405 4.88 -1.33 -12.10
CA MET A 405 4.75 -0.04 -12.76
C MET A 405 3.68 -0.05 -13.84
N TRP A 406 3.69 -1.10 -14.67
CA TRP A 406 2.73 -1.23 -15.74
C TRP A 406 1.30 -1.36 -15.20
N ALA A 407 1.16 -2.01 -14.05
CA ALA A 407 -0.15 -2.16 -13.41
C ALA A 407 -0.65 -0.81 -12.89
N ALA A 408 0.30 0.10 -12.62
CA ALA A 408 -0.04 1.42 -12.12
C ALA A 408 -0.26 2.40 -13.28
N GLN A 409 0.32 2.08 -14.43
CA GLN A 409 0.24 2.96 -15.60
C GLN A 409 -0.98 2.65 -16.47
N PHE A 410 -1.24 1.37 -16.69
CA PHE A 410 -2.25 0.95 -17.67
C PHE A 410 -3.51 0.39 -17.04
N TYR A 411 -3.79 0.82 -15.82
CA TYR A 411 -5.08 0.53 -15.19
C TYR A 411 -5.64 1.82 -14.59
N ASN A 412 -6.86 2.17 -15.00
CA ASN A 412 -7.48 3.41 -14.55
C ASN A 412 -8.31 3.20 -13.29
N TYR A 413 -7.66 3.40 -12.14
CA TYR A 413 -8.31 3.23 -10.84
C TYR A 413 -9.26 4.40 -10.56
N LYS A 414 -10.54 4.07 -10.37
CA LYS A 414 -11.58 5.10 -10.25
C LYS A 414 -11.73 5.61 -8.82
N LYS A 415 -11.45 4.75 -7.85
CA LYS A 415 -11.57 5.12 -6.44
C LYS A 415 -10.36 4.64 -5.65
N PRO A 416 -10.04 5.33 -4.54
CA PRO A 416 -8.90 4.92 -3.70
C PRO A 416 -9.15 3.58 -3.01
N ARG A 417 -8.11 3.05 -2.37
CA ARG A 417 -8.17 1.74 -1.71
C ARG A 417 -8.52 0.64 -2.69
N GLN A 418 -8.12 0.84 -3.94
CA GLN A 418 -8.32 -0.14 -5.00
C GLN A 418 -6.94 -0.57 -5.51
N TRP A 419 -5.95 0.24 -5.19
CA TRP A 419 -4.58 0.03 -5.61
C TRP A 419 -3.69 -0.32 -4.42
N LEU A 420 -3.35 -1.60 -4.30
CA LEU A 420 -2.54 -2.07 -3.18
C LEU A 420 -1.15 -2.46 -3.64
N SER A 421 -0.15 -1.68 -3.25
CA SER A 421 1.22 -1.96 -3.67
C SER A 421 2.24 -1.39 -2.69
N SER A 422 3.36 -2.08 -2.56
CA SER A 422 4.45 -1.64 -1.69
C SER A 422 5.27 -0.56 -2.40
N GLY A 423 5.20 0.67 -1.89
CA GLY A 423 5.89 1.78 -2.50
C GLY A 423 7.12 2.24 -1.73
N GLY A 424 6.96 2.49 -0.44
CA GLY A 424 8.04 2.96 0.40
C GLY A 424 9.16 1.94 0.53
N LEU A 425 8.81 0.74 0.99
CA LEU A 425 9.79 -0.32 1.15
C LEU A 425 9.99 -1.08 -0.16
N GLY A 426 8.91 -1.22 -0.93
CA GLY A 426 8.96 -1.91 -2.19
C GLY A 426 9.35 -3.37 -2.02
N ALA A 427 8.55 -4.09 -1.23
CA ALA A 427 8.87 -5.48 -0.90
C ALA A 427 8.17 -6.46 -1.84
N MET A 428 8.95 -7.36 -2.43
CA MET A 428 8.41 -8.42 -3.26
C MET A 428 7.64 -9.43 -2.40
N GLY A 429 6.80 -10.23 -3.05
CA GLY A 429 6.00 -11.22 -2.34
C GLY A 429 4.86 -10.58 -1.60
N PHE A 430 4.61 -9.31 -1.90
CA PHE A 430 3.52 -8.56 -1.27
C PHE A 430 2.20 -8.86 -1.97
N GLY A 431 2.26 -9.03 -3.29
CA GLY A 431 1.07 -9.16 -4.12
C GLY A 431 0.05 -10.20 -3.71
N LEU A 432 0.48 -11.46 -3.62
CA LEU A 432 -0.43 -12.56 -3.32
C LEU A 432 -1.05 -12.49 -1.92
N PRO A 433 -0.24 -12.27 -0.87
CA PRO A 433 -0.87 -12.20 0.45
C PRO A 433 -1.77 -10.98 0.63
N ALA A 434 -1.41 -9.86 0.00
CA ALA A 434 -2.22 -8.65 0.10
C ALA A 434 -3.57 -8.86 -0.55
N ALA A 435 -3.59 -9.65 -1.63
CA ALA A 435 -4.84 -9.99 -2.31
C ALA A 435 -5.72 -10.83 -1.40
N ILE A 436 -5.10 -11.66 -0.58
CA ILE A 436 -5.80 -12.49 0.38
C ILE A 436 -6.55 -11.64 1.40
N GLY A 437 -5.84 -10.69 2.00
CA GLY A 437 -6.43 -9.82 3.01
C GLY A 437 -7.50 -8.91 2.44
N ALA A 438 -7.31 -8.47 1.20
CA ALA A 438 -8.26 -7.59 0.53
C ALA A 438 -9.54 -8.33 0.18
N SER A 439 -9.41 -9.62 -0.13
CA SER A 439 -10.55 -10.44 -0.49
C SER A 439 -11.42 -10.73 0.73
N VAL A 440 -10.78 -10.82 1.90
CA VAL A 440 -11.50 -11.05 3.15
C VAL A 440 -12.23 -9.78 3.58
N ALA A 441 -11.55 -8.64 3.43
CA ALA A 441 -12.14 -7.34 3.75
C ALA A 441 -13.23 -6.96 2.76
N ASN A 442 -13.07 -7.42 1.52
CA ASN A 442 -14.05 -7.13 0.47
C ASN A 442 -14.44 -8.40 -0.29
N PRO A 443 -15.36 -9.19 0.28
CA PRO A 443 -15.78 -10.50 -0.24
C PRO A 443 -16.38 -10.43 -1.65
N ASP A 444 -17.25 -9.46 -1.88
CA ASP A 444 -17.98 -9.39 -3.15
C ASP A 444 -17.24 -8.61 -4.23
N ALA A 445 -15.99 -8.24 -3.94
CA ALA A 445 -15.20 -7.45 -4.87
C ALA A 445 -14.32 -8.34 -5.74
N ILE A 446 -14.02 -7.85 -6.95
CA ILE A 446 -13.09 -8.54 -7.84
C ILE A 446 -11.66 -8.22 -7.42
N VAL A 447 -10.96 -9.22 -6.90
CA VAL A 447 -9.59 -9.02 -6.43
C VAL A 447 -8.60 -9.72 -7.36
N VAL A 448 -7.68 -8.95 -7.94
CA VAL A 448 -6.72 -9.48 -8.88
C VAL A 448 -5.29 -9.14 -8.47
N ASP A 449 -4.44 -10.16 -8.38
CA ASP A 449 -3.03 -9.96 -8.07
C ASP A 449 -2.19 -9.92 -9.34
N ILE A 450 -1.82 -8.73 -9.77
CA ILE A 450 -0.92 -8.58 -10.91
C ILE A 450 0.51 -8.74 -10.41
N ASP A 451 1.04 -9.95 -10.56
CA ASP A 451 2.31 -10.30 -9.94
C ASP A 451 3.39 -10.63 -10.97
N GLY A 452 4.65 -10.56 -10.52
CA GLY A 452 5.77 -11.00 -11.34
C GLY A 452 6.23 -12.36 -10.85
N ASP A 453 6.80 -13.15 -11.74
CA ASP A 453 7.21 -14.52 -11.42
C ASP A 453 8.22 -14.59 -10.27
N GLY A 454 9.03 -13.56 -10.15
CA GLY A 454 9.99 -13.47 -9.06
C GLY A 454 9.32 -13.17 -7.73
N SER A 455 8.41 -12.21 -7.75
CA SER A 455 7.70 -11.80 -6.53
C SER A 455 6.67 -12.85 -6.13
N PHE A 456 6.01 -13.43 -7.11
CA PHE A 456 4.95 -14.41 -6.87
C PHE A 456 5.46 -15.64 -6.14
N ILE A 457 6.66 -16.08 -6.50
CA ILE A 457 7.19 -17.32 -5.96
C ILE A 457 7.68 -17.17 -4.52
N MET A 458 7.96 -15.93 -4.10
CA MET A 458 8.50 -15.68 -2.77
C MET A 458 7.54 -16.11 -1.66
N ASN A 459 6.26 -15.77 -1.83
CA ASN A 459 5.24 -16.20 -0.89
C ASN A 459 4.19 -17.06 -1.58
N VAL A 460 4.66 -17.96 -2.45
CA VAL A 460 3.80 -18.83 -3.23
C VAL A 460 3.00 -19.78 -2.32
N GLN A 461 3.52 -20.01 -1.12
CA GLN A 461 2.89 -20.93 -0.18
C GLN A 461 1.50 -20.49 0.24
N GLU A 462 1.19 -19.21 0.04
CA GLU A 462 -0.10 -18.66 0.45
C GLU A 462 -1.21 -19.06 -0.51
N LEU A 463 -0.86 -19.77 -1.58
CA LEU A 463 -1.85 -20.34 -2.49
C LEU A 463 -2.71 -21.36 -1.76
N ALA A 464 -2.10 -22.06 -0.81
CA ALA A 464 -2.81 -23.01 0.02
C ALA A 464 -3.84 -22.29 0.90
N THR A 465 -3.45 -21.11 1.38
CA THR A 465 -4.33 -20.28 2.20
C THR A 465 -5.57 -19.87 1.41
N ILE A 466 -5.36 -19.47 0.16
CA ILE A 466 -6.44 -19.03 -0.71
C ILE A 466 -7.49 -20.13 -0.92
N ARG A 467 -7.03 -21.34 -1.18
CA ARG A 467 -7.92 -22.47 -1.40
C ARG A 467 -8.66 -22.86 -0.13
N VAL A 468 -7.92 -23.01 0.97
CA VAL A 468 -8.51 -23.38 2.25
C VAL A 468 -9.56 -22.37 2.69
N GLU A 469 -9.27 -21.09 2.53
CA GLU A 469 -10.18 -20.04 2.94
C GLU A 469 -11.23 -19.72 1.87
N ASN A 470 -11.15 -20.44 0.74
CA ASN A 470 -12.09 -20.29 -0.37
C ASN A 470 -12.26 -18.85 -0.82
N LEU A 471 -11.14 -18.20 -1.13
CA LEU A 471 -11.15 -16.80 -1.55
C LEU A 471 -11.05 -16.68 -3.06
N PRO A 472 -11.92 -15.85 -3.67
CA PRO A 472 -11.96 -15.67 -5.12
C PRO A 472 -10.80 -14.82 -5.65
N VAL A 473 -9.59 -15.10 -5.18
CA VAL A 473 -8.41 -14.34 -5.58
C VAL A 473 -7.97 -14.70 -6.99
N LYS A 474 -7.90 -13.69 -7.87
CA LYS A 474 -7.41 -13.89 -9.22
C LYS A 474 -5.93 -13.52 -9.29
N VAL A 475 -5.14 -14.33 -9.97
CA VAL A 475 -3.72 -14.05 -10.11
C VAL A 475 -3.31 -13.83 -11.56
N LEU A 476 -3.16 -12.57 -11.95
CA LEU A 476 -2.66 -12.24 -13.28
C LEU A 476 -1.14 -12.20 -13.26
N LEU A 477 -0.53 -13.35 -13.52
CA LEU A 477 0.92 -13.48 -13.45
C LEU A 477 1.58 -13.08 -14.76
N LEU A 478 2.34 -11.98 -14.72
CA LEU A 478 3.11 -11.55 -15.89
C LEU A 478 4.49 -12.18 -15.86
N ASN A 479 4.67 -13.23 -16.64
CA ASN A 479 5.88 -14.04 -16.59
C ASN A 479 6.89 -13.64 -17.66
N ASN A 480 8.00 -13.04 -17.23
CA ASN A 480 9.07 -12.67 -18.15
C ASN A 480 10.33 -13.50 -17.90
N GLN A 481 10.21 -14.48 -17.00
CA GLN A 481 11.31 -15.40 -16.68
C GLN A 481 12.55 -14.67 -16.14
N HIS A 482 12.35 -13.45 -15.64
CA HIS A 482 13.47 -12.64 -15.16
C HIS A 482 13.07 -11.77 -13.97
N LEU A 483 14.09 -11.29 -13.25
CA LEU A 483 13.89 -10.19 -12.33
C LEU A 483 13.98 -8.90 -13.13
N GLY A 484 12.89 -8.59 -13.83
CA GLY A 484 12.84 -7.57 -14.86
C GLY A 484 13.41 -6.20 -14.53
N MET A 485 13.01 -5.64 -13.38
CA MET A 485 13.43 -4.30 -13.01
C MET A 485 14.95 -4.23 -12.81
N VAL A 486 15.51 -5.30 -12.25
CA VAL A 486 16.95 -5.40 -12.08
C VAL A 486 17.63 -5.58 -13.44
N MET A 487 16.97 -6.33 -14.32
CA MET A 487 17.47 -6.55 -15.67
C MET A 487 17.47 -5.26 -16.47
N GLN A 488 16.47 -4.42 -16.24
CA GLN A 488 16.34 -3.16 -16.97
C GLN A 488 17.48 -2.21 -16.63
N TRP A 489 17.86 -2.16 -15.35
CA TRP A 489 18.97 -1.32 -14.92
C TRP A 489 20.29 -1.86 -15.49
N GLU A 490 20.34 -3.15 -15.75
CA GLU A 490 21.53 -3.77 -16.35
C GLU A 490 21.67 -3.36 -17.81
N ASP A 491 20.54 -3.33 -18.52
CA ASP A 491 20.54 -2.93 -19.92
C ASP A 491 20.88 -1.45 -20.09
N ARG A 492 20.52 -0.65 -19.08
CA ARG A 492 20.67 0.79 -19.15
C ARG A 492 22.01 1.30 -18.65
N PHE A 493 22.52 0.70 -17.57
CA PHE A 493 23.70 1.24 -16.90
C PHE A 493 24.87 0.25 -16.81
N TYR A 494 24.63 -1.02 -17.12
CA TYR A 494 25.68 -2.04 -16.98
C TYR A 494 25.90 -2.91 -18.22
N LYS A 495 25.71 -2.32 -19.40
CA LYS A 495 26.03 -2.98 -20.67
C LYS A 495 25.28 -4.32 -20.85
N ALA A 496 24.07 -4.40 -20.29
CA ALA A 496 23.22 -5.59 -20.36
C ALA A 496 23.94 -6.83 -19.83
N ASN A 497 24.83 -6.62 -18.86
CA ASN A 497 25.56 -7.72 -18.25
C ASN A 497 24.73 -8.42 -17.19
N ARG A 498 24.24 -9.62 -17.53
CA ARG A 498 23.35 -10.38 -16.65
C ARG A 498 24.04 -10.79 -15.36
N ALA A 499 23.60 -10.20 -14.25
CA ALA A 499 24.11 -10.56 -12.93
C ALA A 499 23.02 -11.20 -12.08
N HIS A 500 22.77 -12.48 -12.33
CA HIS A 500 21.78 -13.27 -11.59
C HIS A 500 20.38 -12.67 -11.67
N THR A 501 19.86 -12.52 -12.87
CA THR A 501 18.52 -11.95 -13.06
C THR A 501 17.58 -12.94 -13.75
N PHE A 502 18.14 -13.99 -14.34
CA PHE A 502 17.34 -15.01 -15.01
C PHE A 502 16.79 -16.01 -14.01
N LEU A 503 15.47 -16.24 -14.06
CA LEU A 503 14.79 -17.06 -13.06
C LEU A 503 14.47 -18.46 -13.56
N GLY A 504 14.70 -18.72 -14.84
CA GLY A 504 14.39 -20.01 -15.42
C GLY A 504 15.48 -21.04 -15.20
N ASP A 505 15.40 -22.15 -15.93
CA ASP A 505 16.38 -23.23 -15.82
C ASP A 505 17.43 -23.12 -16.92
N PRO A 506 18.70 -22.87 -16.52
CA PRO A 506 19.85 -22.79 -17.44
C PRO A 506 20.16 -24.10 -18.18
N ALA A 507 19.28 -25.09 -18.07
CA ALA A 507 19.46 -26.35 -18.80
C ALA A 507 18.45 -26.47 -19.93
N GLN A 508 17.40 -25.66 -19.86
CA GLN A 508 16.34 -25.63 -20.86
C GLN A 508 15.79 -24.21 -20.94
N GLU A 509 16.42 -23.38 -21.76
CA GLU A 509 16.27 -21.92 -21.66
C GLU A 509 14.92 -21.37 -22.09
N ASP A 510 14.32 -22.00 -23.10
CA ASP A 510 13.06 -21.54 -23.68
C ASP A 510 11.85 -22.26 -23.10
N GLU A 511 12.12 -23.14 -22.14
CA GLU A 511 11.06 -23.73 -21.33
C GLU A 511 10.77 -22.81 -20.14
N ILE A 512 9.50 -22.55 -19.90
CA ILE A 512 9.09 -21.68 -18.80
C ILE A 512 9.34 -22.38 -17.46
N PHE A 513 10.20 -21.80 -16.65
CA PHE A 513 10.55 -22.38 -15.36
C PHE A 513 10.50 -21.34 -14.25
N PRO A 514 9.86 -21.69 -13.12
CA PRO A 514 9.17 -22.96 -12.90
C PRO A 514 7.77 -22.99 -13.53
N ASN A 515 7.17 -24.17 -13.58
CA ASN A 515 5.81 -24.31 -14.08
C ASN A 515 4.81 -23.86 -13.02
N MET A 516 4.41 -22.59 -13.09
CA MET A 516 3.55 -21.99 -12.09
C MET A 516 2.16 -22.63 -12.03
N LEU A 517 1.75 -23.23 -13.14
CA LEU A 517 0.45 -23.89 -13.21
C LEU A 517 0.38 -25.07 -12.24
N LEU A 518 1.51 -25.75 -12.07
CA LEU A 518 1.57 -26.89 -11.17
C LEU A 518 1.59 -26.46 -9.71
N PHE A 519 2.03 -25.22 -9.46
CA PHE A 519 1.95 -24.63 -8.13
C PHE A 519 0.49 -24.47 -7.75
N ALA A 520 -0.31 -23.97 -8.68
CA ALA A 520 -1.73 -23.77 -8.47
C ALA A 520 -2.44 -25.11 -8.33
N ALA A 521 -2.05 -26.08 -9.15
CA ALA A 521 -2.64 -27.41 -9.12
C ALA A 521 -2.34 -28.10 -7.80
N ALA A 522 -1.18 -27.80 -7.23
CA ALA A 522 -0.77 -28.37 -5.95
C ALA A 522 -1.71 -27.92 -4.84
N CYS A 523 -2.30 -26.74 -5.01
CA CYS A 523 -3.21 -26.19 -4.03
C CYS A 523 -4.65 -26.21 -4.52
N GLY A 524 -4.93 -27.08 -5.49
CA GLY A 524 -6.28 -27.26 -6.01
C GLY A 524 -6.87 -26.02 -6.63
N ILE A 525 -6.02 -25.18 -7.21
CA ILE A 525 -6.47 -23.95 -7.85
C ILE A 525 -6.39 -24.08 -9.37
N PRO A 526 -7.54 -23.87 -10.05
CA PRO A 526 -7.59 -23.92 -11.51
C PRO A 526 -6.69 -22.86 -12.14
N ALA A 527 -5.93 -23.25 -13.16
CA ALA A 527 -4.97 -22.35 -13.78
C ALA A 527 -4.83 -22.59 -15.27
N ALA A 528 -4.32 -21.59 -15.97
CA ALA A 528 -4.11 -21.68 -17.41
C ALA A 528 -2.95 -20.78 -17.84
N ARG A 529 -2.41 -21.05 -19.03
CA ARG A 529 -1.29 -20.27 -19.54
C ARG A 529 -1.58 -19.75 -20.96
N VAL A 530 -1.34 -18.48 -21.17
CA VAL A 530 -1.54 -17.86 -22.48
C VAL A 530 -0.22 -17.25 -22.99
N THR A 531 0.07 -17.46 -24.26
CA THR A 531 1.32 -16.99 -24.86
C THR A 531 1.07 -16.03 -26.01
N LYS A 532 0.02 -16.31 -26.79
CA LYS A 532 -0.31 -15.47 -27.93
C LYS A 532 -1.35 -14.39 -27.57
N LYS A 533 -1.14 -13.20 -28.11
CA LYS A 533 -1.97 -12.03 -27.81
C LYS A 533 -3.43 -12.23 -28.19
N ALA A 534 -3.68 -13.06 -29.19
CA ALA A 534 -5.04 -13.31 -29.67
C ALA A 534 -5.89 -14.01 -28.61
N ASP A 535 -5.28 -14.95 -27.89
CA ASP A 535 -5.99 -15.73 -26.89
C ASP A 535 -6.08 -15.01 -25.55
N LEU A 536 -5.41 -13.86 -25.46
CA LEU A 536 -5.29 -13.14 -24.20
C LEU A 536 -6.63 -12.63 -23.67
N ARG A 537 -7.47 -12.12 -24.56
CA ARG A 537 -8.74 -11.54 -24.15
C ARG A 537 -9.68 -12.59 -23.55
N GLU A 538 -9.80 -13.72 -24.23
CA GLU A 538 -10.64 -14.81 -23.76
C GLU A 538 -10.10 -15.43 -22.47
N ALA A 539 -8.77 -15.53 -22.38
CA ALA A 539 -8.11 -16.13 -21.23
C ALA A 539 -8.39 -15.35 -19.95
N ILE A 540 -8.22 -14.04 -20.00
CA ILE A 540 -8.49 -13.17 -18.85
C ILE A 540 -9.97 -13.24 -18.49
N GLN A 541 -10.81 -13.33 -19.50
CA GLN A 541 -12.26 -13.45 -19.29
C GLN A 541 -12.58 -14.73 -18.53
N THR A 542 -11.91 -15.81 -18.89
CA THR A 542 -12.09 -17.09 -18.22
C THR A 542 -11.68 -17.00 -16.76
N MET A 543 -10.56 -16.33 -16.50
CA MET A 543 -10.07 -16.11 -15.14
C MET A 543 -11.12 -15.41 -14.28
N LEU A 544 -11.76 -14.40 -14.86
CA LEU A 544 -12.75 -13.60 -14.14
C LEU A 544 -14.07 -14.36 -13.97
N ASP A 545 -14.49 -15.05 -15.03
CA ASP A 545 -15.77 -15.74 -15.01
C ASP A 545 -15.75 -17.01 -14.16
N THR A 546 -14.61 -17.67 -14.11
CA THR A 546 -14.46 -18.88 -13.29
C THR A 546 -14.53 -18.53 -11.81
N PRO A 547 -15.53 -19.09 -11.10
CA PRO A 547 -15.71 -18.85 -9.67
C PRO A 547 -14.51 -19.29 -8.84
N GLY A 548 -14.24 -18.58 -7.75
CA GLY A 548 -13.15 -18.94 -6.86
C GLY A 548 -11.79 -18.50 -7.36
N PRO A 549 -10.72 -19.08 -6.80
CA PRO A 549 -9.34 -18.75 -7.14
C PRO A 549 -8.99 -19.13 -8.58
N TYR A 550 -8.10 -18.35 -9.20
CA TYR A 550 -7.67 -18.66 -10.57
C TYR A 550 -6.29 -18.05 -10.84
N LEU A 551 -5.44 -18.83 -11.50
CA LEU A 551 -4.11 -18.35 -11.88
C LEU A 551 -3.95 -18.32 -13.40
N LEU A 552 -3.71 -17.13 -13.94
CA LEU A 552 -3.44 -16.99 -15.36
C LEU A 552 -1.97 -16.66 -15.58
N ASP A 553 -1.23 -17.62 -16.14
CA ASP A 553 0.19 -17.43 -16.42
C ASP A 553 0.39 -16.74 -17.77
N VAL A 554 0.58 -15.43 -17.74
CA VAL A 554 0.76 -14.65 -18.96
C VAL A 554 2.23 -14.53 -19.33
N ILE A 555 2.60 -15.12 -20.48
CA ILE A 555 3.98 -15.12 -20.93
C ILE A 555 4.30 -13.83 -21.71
N CYS A 556 5.31 -13.11 -21.24
CA CYS A 556 5.70 -11.85 -21.87
C CYS A 556 7.17 -11.87 -22.28
N PRO A 557 7.50 -11.21 -23.40
CA PRO A 557 8.90 -11.04 -23.79
C PRO A 557 9.66 -10.23 -22.73
N HIS A 558 10.84 -10.71 -22.34
CA HIS A 558 11.56 -10.13 -21.20
C HIS A 558 12.30 -8.84 -21.55
N GLN A 559 12.45 -8.58 -22.84
CA GLN A 559 13.24 -7.42 -23.28
C GLN A 559 12.50 -6.09 -23.09
N GLU A 560 11.24 -6.16 -22.64
CA GLU A 560 10.44 -4.96 -22.44
C GLU A 560 11.02 -4.08 -21.33
N HIS A 561 10.89 -2.76 -21.51
CA HIS A 561 11.36 -1.80 -20.52
C HIS A 561 10.25 -0.88 -20.05
N VAL A 562 10.26 -0.53 -18.77
CA VAL A 562 9.31 0.42 -18.23
C VAL A 562 9.68 1.84 -18.66
N LEU A 563 8.77 2.48 -19.39
CA LEU A 563 9.02 3.82 -19.91
C LEU A 563 7.85 4.75 -19.59
N PRO A 564 8.14 6.05 -19.37
CA PRO A 564 9.48 6.64 -19.39
C PRO A 564 10.25 6.41 -18.10
N MET A 565 11.51 6.84 -18.06
CA MET A 565 12.37 6.59 -16.91
C MET A 565 13.36 7.73 -16.67
N ILE A 566 13.43 8.17 -15.41
CA ILE A 566 14.43 9.15 -15.00
C ILE A 566 15.41 8.50 -14.02
N PRO A 567 16.69 8.40 -14.42
CA PRO A 567 17.74 7.80 -13.59
C PRO A 567 17.79 8.43 -12.20
N SER A 568 18.19 7.64 -11.20
CA SER A 568 18.18 8.08 -9.80
C SER A 568 18.98 9.35 -9.59
N GLY A 569 18.32 10.37 -9.04
CA GLY A 569 18.96 11.64 -8.75
C GLY A 569 19.14 12.52 -9.97
N GLY A 570 18.17 12.48 -10.87
CA GLY A 570 18.24 13.25 -12.10
C GLY A 570 17.20 14.36 -12.17
N THR A 571 17.07 14.97 -13.34
CA THR A 571 16.10 16.03 -13.55
C THR A 571 15.10 15.64 -14.64
N PHE A 572 14.24 16.57 -15.02
CA PHE A 572 13.24 16.30 -16.06
C PHE A 572 13.88 16.23 -17.44
N ASN A 573 15.01 16.90 -17.62
CA ASN A 573 15.71 16.89 -18.89
C ASN A 573 16.63 15.68 -19.04
N ASP A 574 16.40 14.67 -18.21
CA ASP A 574 17.17 13.43 -18.29
C ASP A 574 16.25 12.23 -18.51
N VAL A 575 15.02 12.52 -18.91
CA VAL A 575 14.01 11.48 -19.08
C VAL A 575 14.30 10.58 -20.28
N ILE A 576 14.30 9.27 -20.04
CA ILE A 576 14.45 8.29 -21.11
C ILE A 576 13.08 7.93 -21.65
N THR A 577 12.86 8.11 -22.95
CA THR A 577 11.54 7.95 -23.53
C THR A 577 11.44 6.76 -24.49
N GLU A 578 12.57 6.34 -25.04
CA GLU A 578 12.58 5.23 -25.99
C GLU A 578 13.71 4.25 -25.73
N GLY A 579 13.52 3.01 -26.16
CA GLY A 579 14.55 1.98 -26.03
C GLY A 579 14.13 0.79 -25.18
N ASP A 580 14.80 -0.33 -25.39
CA ASP A 580 14.58 -1.54 -24.59
C ASP A 580 15.84 -2.39 -24.53
N GLY A 581 15.66 -3.71 -24.57
CA GLY A 581 16.78 -4.63 -24.52
C GLY A 581 16.81 -5.57 -25.71
N ARG A 582 16.55 -5.03 -26.90
CA ARG A 582 16.56 -5.81 -28.12
C ARG A 582 17.67 -5.39 -29.07
#